data_2OPB
#
_entry.id   2OPB
#
_cell.length_a   94.420
_cell.length_b   94.420
_cell.length_c   187.670
_cell.angle_alpha   90.00
_cell.angle_beta   90.00
_cell.angle_gamma   90.00
#
_symmetry.space_group_name_H-M   'P 43 21 2'
#
loop_
_entity.id
_entity.type
_entity.pdbx_description
1 polymer 'Phenylethanolamine N-methyltransferase'
2 non-polymer (3R)-3-(FLUOROMETHYL)-7-(THIOMORPHOLIN-4-YLSULFONYL)-1,2,3,4-TETRAHYDROISOQUINOLINE
3 non-polymer S-ADENOSYL-L-HOMOCYSTEINE
4 non-polymer 'PHOSPHATE ION'
5 water water
#
_entity_poly.entity_id   1
_entity_poly.type   'polypeptide(L)'
_entity_poly.pdbx_seq_one_letter_code
;MSGADRSPNAGAAPDSAPGQAAVASAYQRFEPRAYLRNNYAPPRGDLCNPNGVGPWALRCLAQTFATGEVSGRTLIDIGS
GPTVYQLLSACSHFEDITMTDFLEVNRQELGRWLQEEPGAFNWSMYSQHACLIEGKGECWQDKERQLRARVKRVLPIDVH
QPQPLGAGSPAPLPADALVSAFCLEAVSPDLASFQRALDHITTLLRPGGHLLLIGALEESWYLAGEARLTVVPVSEEEVR
EALVRSGYKVRDLRTYIMPAHLQTGVDDVKGVFFAWAQKVGLEHHHHHH
;
_entity_poly.pdbx_strand_id   A,B
#
loop_
_chem_comp.id
_chem_comp.type
_chem_comp.name
_chem_comp.formula
F21 non-polymer (3R)-3-(FLUOROMETHYL)-7-(THIOMORPHOLIN-4-YLSULFONYL)-1,2,3,4-TETRAHYDROISOQUINOLINE 'C14 H19 F N2 O2 S2'
PO4 non-polymer 'PHOSPHATE ION' 'O4 P -3'
SAH non-polymer S-ADENOSYL-L-HOMOCYSTEINE 'C14 H20 N6 O5 S'
#
# COMPACT_ATOMS: atom_id res chain seq x y z
N ALA A 24 5.99 23.56 -31.58
CA ALA A 24 5.29 23.95 -30.32
C ALA A 24 3.79 24.26 -30.56
N SER A 25 3.45 24.60 -31.80
CA SER A 25 2.06 24.93 -32.15
C SER A 25 1.13 23.73 -31.89
N ALA A 26 1.60 22.54 -32.24
CA ALA A 26 0.85 21.30 -32.07
C ALA A 26 0.38 21.11 -30.63
N TYR A 27 1.17 21.60 -29.68
CA TYR A 27 0.85 21.45 -28.26
C TYR A 27 -0.48 22.09 -27.88
N GLN A 28 -1.14 22.72 -28.85
CA GLN A 28 -2.43 23.33 -28.61
C GLN A 28 -3.58 22.32 -28.69
N ARG A 29 -3.32 21.16 -29.28
CA ARG A 29 -4.34 20.13 -29.39
C ARG A 29 -4.18 19.07 -28.29
N PHE A 30 -3.14 19.25 -27.47
CA PHE A 30 -2.81 18.34 -26.36
C PHE A 30 -4.00 18.05 -25.46
N GLU A 31 -4.31 16.78 -25.28
CA GLU A 31 -5.43 16.35 -24.45
C GLU A 31 -4.90 15.61 -23.21
N PRO A 32 -4.70 16.34 -22.10
CA PRO A 32 -4.20 15.78 -20.84
C PRO A 32 -4.79 14.43 -20.46
N ARG A 33 -6.10 14.30 -20.54
CA ARG A 33 -6.71 13.04 -20.17
C ARG A 33 -6.32 11.89 -21.09
N ALA A 34 -5.94 12.21 -22.32
CA ALA A 34 -5.54 11.19 -23.27
C ALA A 34 -4.04 10.90 -23.13
N TYR A 35 -3.30 11.92 -22.71
CA TYR A 35 -1.87 11.75 -22.51
C TYR A 35 -1.66 10.76 -21.36
N LEU A 36 -2.37 11.02 -20.26
CA LEU A 36 -2.30 10.18 -19.06
C LEU A 36 -2.74 8.76 -19.42
N ARG A 37 -3.86 8.67 -20.10
CA ARG A 37 -4.40 7.39 -20.50
C ARG A 37 -3.38 6.61 -21.30
N ASN A 38 -2.74 7.28 -22.24
CA ASN A 38 -1.75 6.66 -23.11
C ASN A 38 -0.49 6.16 -22.40
N ASN A 39 -0.08 6.87 -21.35
CA ASN A 39 1.15 6.53 -20.66
C ASN A 39 1.10 6.08 -19.19
N TYR A 40 0.07 6.43 -18.45
CA TYR A 40 0.05 6.03 -17.04
C TYR A 40 -1.03 5.07 -16.61
N ALA A 41 -1.78 4.56 -17.57
CA ALA A 41 -2.80 3.51 -17.32
C ALA A 41 -2.37 2.25 -18.07
N PRO A 42 -2.39 1.12 -17.35
CA PRO A 42 -1.86 -0.17 -17.90
C PRO A 42 -1.96 -0.19 -19.38
N PRO A 43 -0.99 -0.81 -20.10
CA PRO A 43 0.14 -1.48 -19.49
C PRO A 43 1.31 -0.79 -18.89
N ARG A 44 1.63 0.40 -19.40
CA ARG A 44 2.76 1.14 -18.88
C ARG A 44 2.52 1.55 -17.43
N GLY A 45 1.24 1.60 -17.05
CA GLY A 45 0.89 1.99 -15.70
C GLY A 45 0.79 0.85 -14.69
N ASP A 46 0.85 -0.39 -15.14
CA ASP A 46 0.77 -1.46 -14.15
C ASP A 46 2.06 -1.52 -13.34
N LEU A 47 1.98 -1.15 -12.07
CA LEU A 47 3.16 -1.18 -11.24
C LEU A 47 3.37 -2.56 -10.63
N CYS A 48 2.42 -3.47 -10.85
CA CYS A 48 2.56 -4.80 -10.31
C CYS A 48 3.68 -5.61 -10.91
N ASN A 49 4.04 -5.39 -12.17
CA ASN A 49 5.16 -6.15 -12.70
C ASN A 49 6.45 -5.34 -12.53
N PRO A 50 7.40 -5.90 -11.77
CA PRO A 50 8.73 -5.38 -11.41
C PRO A 50 9.52 -4.93 -12.61
N ASN A 51 9.38 -5.67 -13.71
CA ASN A 51 10.10 -5.37 -14.94
C ASN A 51 9.54 -4.17 -15.66
N GLY A 52 8.39 -3.70 -15.20
CA GLY A 52 7.75 -2.57 -15.83
C GLY A 52 8.56 -1.29 -15.69
N VAL A 53 8.29 -0.35 -16.59
CA VAL A 53 8.98 0.94 -16.62
C VAL A 53 8.50 1.80 -15.45
N GLY A 54 7.29 1.55 -14.97
CA GLY A 54 6.80 2.31 -13.83
C GLY A 54 7.71 2.07 -12.64
N PRO A 55 7.82 0.79 -12.23
CA PRO A 55 8.67 0.44 -11.09
C PRO A 55 10.09 0.96 -11.23
N TRP A 56 10.66 0.78 -12.41
CA TRP A 56 12.01 1.21 -12.70
C TRP A 56 12.20 2.72 -12.46
N ALA A 57 11.31 3.54 -13.01
CA ALA A 57 11.45 4.99 -12.84
C ALA A 57 11.29 5.41 -11.39
N LEU A 58 10.25 4.90 -10.73
CA LEU A 58 10.02 5.26 -9.35
C LEU A 58 11.21 4.78 -8.52
N ARG A 59 11.86 3.72 -8.97
CA ARG A 59 12.98 3.22 -8.21
C ARG A 59 14.19 4.18 -8.33
N CYS A 60 14.40 4.75 -9.52
CA CYS A 60 15.53 5.66 -9.72
C CYS A 60 15.43 6.83 -8.78
N LEU A 61 14.24 7.42 -8.77
CA LEU A 61 13.96 8.56 -7.92
C LEU A 61 14.17 8.18 -6.47
N ALA A 62 13.53 7.11 -6.04
CA ALA A 62 13.65 6.67 -4.66
C ALA A 62 15.11 6.59 -4.22
N GLN A 63 15.90 5.80 -4.95
CA GLN A 63 17.30 5.61 -4.63
C GLN A 63 18.18 6.85 -4.69
N THR A 64 17.88 7.77 -5.62
CA THR A 64 18.69 8.97 -5.71
C THR A 64 18.50 9.81 -4.45
N PHE A 65 17.24 10.06 -4.10
CA PHE A 65 16.97 10.84 -2.91
C PHE A 65 17.39 10.09 -1.66
N ALA A 66 17.29 8.77 -1.72
CA ALA A 66 17.64 7.94 -0.58
C ALA A 66 19.10 8.14 -0.20
N THR A 67 19.91 8.61 -1.14
CA THR A 67 21.33 8.83 -0.87
C THR A 67 21.52 10.10 -0.04
N GLY A 68 20.41 10.77 0.26
CA GLY A 68 20.47 11.99 1.05
C GLY A 68 21.60 12.90 0.65
N GLU A 69 21.65 13.28 -0.63
CA GLU A 69 22.68 14.18 -1.14
C GLU A 69 21.97 15.25 -1.93
N VAL A 70 20.71 14.97 -2.23
CA VAL A 70 19.87 15.90 -2.97
C VAL A 70 18.89 16.45 -1.96
N SER A 71 19.30 17.53 -1.29
CA SER A 71 18.50 18.21 -0.27
C SER A 71 18.38 19.69 -0.56
N GLY A 72 17.44 20.33 0.14
CA GLY A 72 17.24 21.76 -0.06
C GLY A 72 15.92 22.32 0.44
N ARG A 73 15.72 23.61 0.23
CA ARG A 73 14.50 24.25 0.68
C ARG A 73 13.48 24.28 -0.44
N THR A 74 13.91 24.70 -1.63
CA THR A 74 13.00 24.77 -2.79
C THR A 74 13.41 23.81 -3.89
N LEU A 75 12.46 23.54 -4.77
CA LEU A 75 12.66 22.66 -5.90
C LEU A 75 11.66 23.07 -6.98
N ILE A 76 12.04 22.89 -8.24
CA ILE A 76 11.15 23.23 -9.34
C ILE A 76 11.12 22.07 -10.33
N ASP A 77 9.90 21.69 -10.69
CA ASP A 77 9.63 20.61 -11.64
C ASP A 77 9.26 21.24 -12.96
N ILE A 78 10.13 21.05 -13.94
CA ILE A 78 9.94 21.61 -15.27
C ILE A 78 9.07 20.75 -16.20
N GLY A 79 8.07 21.39 -16.79
CA GLY A 79 7.18 20.71 -17.71
C GLY A 79 6.44 19.59 -17.02
N SER A 80 5.85 19.92 -15.87
CA SER A 80 5.11 18.96 -15.06
C SER A 80 4.07 18.20 -15.85
N GLY A 81 3.36 18.93 -16.71
CA GLY A 81 2.29 18.31 -17.48
C GLY A 81 1.23 17.99 -16.45
N PRO A 82 0.43 16.94 -16.68
CA PRO A 82 -0.60 16.58 -15.70
C PRO A 82 -0.16 15.39 -14.85
N THR A 83 1.10 15.34 -14.47
CA THR A 83 1.60 14.21 -13.68
C THR A 83 2.34 14.62 -12.42
N VAL A 84 2.28 13.76 -11.41
CA VAL A 84 2.93 14.03 -10.12
C VAL A 84 3.93 12.95 -9.68
N TYR A 85 3.83 11.76 -10.27
CA TYR A 85 4.71 10.64 -9.93
C TYR A 85 6.18 11.06 -9.82
N GLN A 86 6.60 11.99 -10.68
CA GLN A 86 7.97 12.47 -10.68
C GLN A 86 8.37 13.14 -9.36
N LEU A 87 7.37 13.52 -8.57
CA LEU A 87 7.64 14.21 -7.31
C LEU A 87 7.42 13.42 -6.02
N LEU A 88 6.78 12.26 -6.12
CA LEU A 88 6.49 11.44 -4.94
C LEU A 88 7.67 11.21 -3.99
N SER A 89 8.82 10.80 -4.47
CA SER A 89 9.93 10.57 -3.54
C SER A 89 10.59 11.89 -3.17
N ALA A 90 10.57 12.82 -4.11
CA ALA A 90 11.17 14.13 -3.89
C ALA A 90 10.46 14.90 -2.78
N CYS A 91 9.15 15.08 -2.92
CA CYS A 91 8.36 15.86 -1.97
C CYS A 91 8.79 15.83 -0.51
N SER A 92 9.39 14.74 -0.07
CA SER A 92 9.83 14.67 1.33
C SER A 92 11.25 15.17 1.55
N HIS A 93 11.71 16.09 0.69
CA HIS A 93 13.07 16.62 0.82
C HIS A 93 13.17 18.12 0.58
N PHE A 94 12.11 18.71 0.04
CA PHE A 94 12.08 20.14 -0.25
C PHE A 94 10.74 20.72 0.17
N GLU A 95 10.74 21.64 1.13
CA GLU A 95 9.50 22.23 1.62
C GLU A 95 8.76 23.15 0.64
N ASP A 96 9.48 23.79 -0.28
CA ASP A 96 8.84 24.66 -1.25
C ASP A 96 8.93 24.05 -2.65
N ILE A 97 7.83 23.48 -3.10
CA ILE A 97 7.78 22.83 -4.41
C ILE A 97 7.02 23.64 -5.46
N THR A 98 7.66 23.85 -6.60
CA THR A 98 7.05 24.61 -7.68
C THR A 98 6.84 23.73 -8.91
N MET A 99 5.59 23.58 -9.34
CA MET A 99 5.29 22.78 -10.52
C MET A 99 4.97 23.68 -11.69
N THR A 100 5.42 23.32 -12.88
CA THR A 100 5.19 24.16 -14.05
C THR A 100 4.77 23.44 -15.30
N ASP A 101 4.33 24.22 -16.28
CA ASP A 101 3.94 23.68 -17.56
C ASP A 101 3.39 24.75 -18.46
N PHE A 102 3.59 24.52 -19.75
CA PHE A 102 3.16 25.43 -20.80
C PHE A 102 1.66 25.57 -20.81
N LEU A 103 1.03 24.48 -21.23
CA LEU A 103 -0.40 24.40 -21.34
C LEU A 103 -1.14 24.66 -20.06
N GLU A 104 -2.06 25.63 -20.09
CA GLU A 104 -2.82 25.90 -18.91
C GLU A 104 -3.64 24.64 -18.64
N VAL A 105 -4.07 23.98 -19.72
CA VAL A 105 -4.86 22.76 -19.58
C VAL A 105 -4.20 21.76 -18.63
N ASN A 106 -2.88 21.69 -18.64
CA ASN A 106 -2.15 20.80 -17.76
C ASN A 106 -2.08 21.38 -16.35
N ARG A 107 -1.76 22.67 -16.25
CA ARG A 107 -1.71 23.33 -14.96
C ARG A 107 -3.07 23.11 -14.30
N GLN A 108 -4.12 23.01 -15.12
CA GLN A 108 -5.47 22.77 -14.60
C GLN A 108 -5.55 21.39 -14.00
N GLU A 109 -5.43 20.36 -14.84
CA GLU A 109 -5.51 18.98 -14.39
C GLU A 109 -4.66 18.80 -13.13
N LEU A 110 -3.49 19.43 -13.06
CA LEU A 110 -2.65 19.34 -11.86
C LEU A 110 -3.44 19.82 -10.64
N GLY A 111 -3.90 21.06 -10.71
CA GLY A 111 -4.69 21.63 -9.65
C GLY A 111 -5.75 20.66 -9.20
N ARG A 112 -6.50 20.11 -10.14
CA ARG A 112 -7.57 19.16 -9.83
C ARG A 112 -7.14 18.07 -8.83
N TRP A 113 -5.94 17.54 -8.99
CA TRP A 113 -5.48 16.49 -8.09
C TRP A 113 -4.88 17.11 -6.84
N LEU A 114 -4.40 18.35 -6.96
CA LEU A 114 -3.82 19.04 -5.83
C LEU A 114 -4.88 19.45 -4.82
N GLN A 115 -6.13 19.62 -5.29
CA GLN A 115 -7.26 20.02 -4.44
C GLN A 115 -8.27 18.88 -4.36
N GLU A 116 -7.83 17.65 -4.60
CA GLU A 116 -8.75 16.52 -4.55
C GLU A 116 -10.09 16.94 -5.18
N GLU A 117 -10.03 17.71 -6.24
CA GLU A 117 -11.24 18.18 -6.92
C GLU A 117 -11.95 17.07 -7.68
N PRO A 118 -13.15 17.36 -8.23
CA PRO A 118 -13.90 16.36 -8.98
C PRO A 118 -13.16 15.88 -10.22
N GLY A 119 -13.11 14.55 -10.39
CA GLY A 119 -12.48 13.95 -11.55
C GLY A 119 -10.98 14.17 -11.70
N ALA A 120 -10.25 14.12 -10.60
CA ALA A 120 -8.81 14.30 -10.68
C ALA A 120 -8.31 12.93 -11.17
N PHE A 121 -7.06 12.85 -11.61
CA PHE A 121 -6.52 11.56 -12.03
C PHE A 121 -6.11 10.79 -10.76
N ASN A 122 -6.24 9.47 -10.78
CA ASN A 122 -5.89 8.70 -9.60
C ASN A 122 -4.44 8.25 -9.53
N TRP A 123 -3.65 8.90 -8.67
CA TRP A 123 -2.24 8.55 -8.55
C TRP A 123 -1.94 7.65 -7.36
N SER A 124 -2.98 7.26 -6.64
CA SER A 124 -2.76 6.44 -5.47
C SER A 124 -1.86 5.23 -5.71
N MET A 125 -2.06 4.49 -6.80
CA MET A 125 -1.23 3.33 -7.09
C MET A 125 0.24 3.73 -7.20
N TYR A 126 0.48 4.94 -7.69
CA TYR A 126 1.83 5.44 -7.81
C TYR A 126 2.33 5.83 -6.41
N SER A 127 1.48 6.50 -5.64
CA SER A 127 1.82 6.91 -4.27
C SER A 127 2.32 5.70 -3.46
N GLN A 128 1.52 4.63 -3.48
CA GLN A 128 1.83 3.40 -2.74
C GLN A 128 3.12 2.74 -3.17
N HIS A 129 3.39 2.76 -4.47
CA HIS A 129 4.61 2.16 -5.01
C HIS A 129 5.82 3.03 -4.69
N ALA A 130 5.58 4.25 -4.26
CA ALA A 130 6.65 5.13 -3.81
C ALA A 130 6.95 4.74 -2.38
N CYS A 131 5.88 4.55 -1.60
CA CYS A 131 6.03 4.19 -0.20
C CYS A 131 6.62 2.81 -0.09
N LEU A 132 6.12 1.92 -0.93
CA LEU A 132 6.58 0.56 -0.94
C LEU A 132 8.08 0.57 -1.18
N ILE A 133 8.50 1.22 -2.27
CA ILE A 133 9.91 1.30 -2.65
C ILE A 133 10.79 2.02 -1.64
N GLU A 134 10.29 3.10 -1.06
CA GLU A 134 11.09 3.85 -0.09
C GLU A 134 11.30 3.07 1.20
N GLY A 135 10.39 2.14 1.48
CA GLY A 135 10.48 1.30 2.66
C GLY A 135 10.60 1.98 4.01
N LYS A 136 9.98 3.13 4.16
CA LYS A 136 10.07 3.82 5.43
C LYS A 136 8.76 3.54 6.14
N GLY A 137 8.00 2.60 5.60
CA GLY A 137 6.73 2.24 6.21
C GLY A 137 5.70 3.35 6.22
N GLU A 138 5.89 4.36 5.38
CA GLU A 138 4.95 5.48 5.28
C GLU A 138 3.65 5.01 4.63
N CYS A 139 2.51 5.53 5.08
CA CYS A 139 1.25 5.11 4.45
C CYS A 139 1.16 6.06 3.24
N TRP A 140 0.51 5.62 2.16
CA TRP A 140 0.42 6.45 0.95
C TRP A 140 -0.45 7.71 1.03
N GLN A 141 -1.48 7.68 1.87
CA GLN A 141 -2.33 8.87 2.02
C GLN A 141 -1.44 9.97 2.61
N ASP A 142 -0.50 9.54 3.45
CA ASP A 142 0.42 10.46 4.12
C ASP A 142 1.41 11.06 3.15
N LYS A 143 1.67 10.37 2.04
CA LYS A 143 2.62 10.87 1.08
C LYS A 143 1.89 11.86 0.19
N GLU A 144 0.67 11.51 -0.22
CA GLU A 144 -0.12 12.41 -1.05
C GLU A 144 -0.41 13.70 -0.28
N ARG A 145 -0.30 13.62 1.04
CA ARG A 145 -0.53 14.77 1.90
C ARG A 145 0.69 15.66 1.85
N GLN A 146 1.85 15.06 2.14
CA GLN A 146 3.12 15.78 2.14
C GLN A 146 3.37 16.48 0.80
N LEU A 147 2.97 15.82 -0.28
CA LEU A 147 3.16 16.40 -1.59
C LEU A 147 2.25 17.61 -1.74
N ARG A 148 0.94 17.36 -1.71
CA ARG A 148 -0.04 18.43 -1.84
C ARG A 148 0.32 19.63 -0.96
N ALA A 149 0.73 19.35 0.26
CA ALA A 149 1.10 20.41 1.19
C ALA A 149 2.30 21.21 0.69
N ARG A 150 3.35 20.51 0.28
CA ARG A 150 4.56 21.16 -0.18
C ARG A 150 4.52 21.85 -1.56
N VAL A 151 3.52 21.52 -2.36
CA VAL A 151 3.40 22.17 -3.67
C VAL A 151 2.65 23.48 -3.40
N LYS A 152 3.39 24.58 -3.48
CA LYS A 152 2.87 25.91 -3.23
C LYS A 152 2.27 26.57 -4.47
N ARG A 153 2.89 26.35 -5.62
CA ARG A 153 2.40 26.98 -6.84
C ARG A 153 2.59 26.16 -8.11
N VAL A 154 1.69 26.41 -9.07
CA VAL A 154 1.69 25.77 -10.38
C VAL A 154 1.83 26.88 -11.44
N LEU A 155 3.07 27.17 -11.83
CA LEU A 155 3.35 28.25 -12.79
C LEU A 155 3.50 27.89 -14.26
N PRO A 156 3.17 28.86 -15.13
CA PRO A 156 3.28 28.62 -16.58
C PRO A 156 4.78 28.79 -16.87
N ILE A 157 5.25 28.12 -17.91
CA ILE A 157 6.68 28.18 -18.22
C ILE A 157 6.94 27.86 -19.68
N ASP A 158 8.05 28.39 -20.21
CA ASP A 158 8.46 28.13 -21.59
C ASP A 158 9.99 27.92 -21.61
N VAL A 159 10.40 26.67 -21.81
CA VAL A 159 11.83 26.34 -21.81
C VAL A 159 12.63 26.99 -22.93
N HIS A 160 11.96 27.47 -23.98
CA HIS A 160 12.67 28.11 -25.09
C HIS A 160 13.04 29.56 -24.79
N GLN A 161 12.47 30.09 -23.70
CA GLN A 161 12.74 31.46 -23.26
C GLN A 161 14.05 31.47 -22.48
N PRO A 162 14.84 32.53 -22.62
CA PRO A 162 16.13 32.61 -21.90
C PRO A 162 15.92 32.59 -20.39
N GLN A 163 14.71 32.95 -19.97
CA GLN A 163 14.29 32.95 -18.56
C GLN A 163 12.89 32.32 -18.64
N PRO A 164 12.83 30.98 -18.66
CA PRO A 164 11.67 30.09 -18.74
C PRO A 164 10.38 30.54 -18.07
N LEU A 165 10.48 30.94 -16.82
CA LEU A 165 9.33 31.41 -16.06
C LEU A 165 8.87 32.78 -16.53
N GLY A 166 9.74 33.76 -16.35
CA GLY A 166 9.43 35.13 -16.75
C GLY A 166 10.39 36.13 -16.15
N ALA A 167 9.85 37.20 -15.58
CA ALA A 167 10.67 38.23 -14.97
C ALA A 167 10.61 38.12 -13.44
N GLY A 168 9.44 38.43 -12.89
CA GLY A 168 9.27 38.35 -11.44
C GLY A 168 8.37 37.20 -11.10
N SER A 169 8.87 35.98 -11.28
CA SER A 169 8.10 34.80 -11.00
C SER A 169 7.95 34.61 -9.49
N PRO A 170 6.76 34.15 -9.04
CA PRO A 170 6.50 33.92 -7.62
C PRO A 170 7.44 32.83 -7.08
N ALA A 171 8.13 32.16 -8.00
CA ALA A 171 9.04 31.07 -7.68
C ALA A 171 10.35 31.50 -7.03
N PRO A 172 10.72 30.80 -5.96
CA PRO A 172 11.95 31.08 -5.22
C PRO A 172 13.16 30.69 -6.07
N LEU A 173 13.94 31.69 -6.49
CA LEU A 173 15.12 31.44 -7.31
C LEU A 173 16.40 31.94 -6.63
N PRO A 174 17.51 31.23 -6.82
CA PRO A 174 17.60 30.01 -7.63
C PRO A 174 17.06 28.86 -6.80
N ALA A 175 16.57 27.83 -7.47
CA ALA A 175 16.05 26.66 -6.77
C ALA A 175 17.23 25.77 -6.37
N ASP A 176 17.06 25.01 -5.29
CA ASP A 176 18.11 24.12 -4.81
C ASP A 176 18.17 22.82 -5.60
N ALA A 177 17.11 22.56 -6.36
CA ALA A 177 17.04 21.35 -7.17
C ALA A 177 16.00 21.43 -8.27
N LEU A 178 16.24 20.69 -9.36
CA LEU A 178 15.35 20.65 -10.51
C LEU A 178 14.96 19.23 -10.89
N VAL A 179 13.72 19.05 -11.30
CA VAL A 179 13.24 17.74 -11.74
C VAL A 179 12.52 17.94 -13.05
N SER A 180 12.87 17.18 -14.09
CA SER A 180 12.13 17.31 -15.34
C SER A 180 11.96 15.96 -15.97
N ALA A 181 10.74 15.71 -16.47
CA ALA A 181 10.38 14.43 -17.09
C ALA A 181 9.74 14.53 -18.47
N PHE A 182 10.43 13.98 -19.45
CA PHE A 182 9.91 13.96 -20.81
C PHE A 182 9.53 15.34 -21.33
N CYS A 183 10.26 16.38 -20.93
CA CYS A 183 9.88 17.67 -21.43
C CYS A 183 10.71 18.14 -22.61
N LEU A 184 11.97 18.44 -22.35
CA LEU A 184 12.86 18.94 -23.38
C LEU A 184 12.80 18.23 -24.74
N GLU A 185 13.05 16.92 -24.76
CA GLU A 185 13.02 16.21 -26.03
C GLU A 185 11.65 16.28 -26.72
N ALA A 186 10.61 16.59 -25.96
CA ALA A 186 9.26 16.67 -26.53
C ALA A 186 8.87 18.06 -26.98
N VAL A 187 9.69 19.05 -26.68
CA VAL A 187 9.37 20.40 -27.11
C VAL A 187 10.43 20.98 -28.02
N SER A 188 11.57 20.31 -28.11
CA SER A 188 12.64 20.80 -28.96
C SER A 188 12.65 20.03 -30.27
N PRO A 189 12.76 20.75 -31.40
CA PRO A 189 12.79 20.13 -32.74
C PRO A 189 14.10 19.46 -33.17
N ASP A 190 15.17 19.62 -32.39
CA ASP A 190 16.47 19.04 -32.74
C ASP A 190 17.44 19.16 -31.58
N LEU A 191 18.58 18.51 -31.68
CA LEU A 191 19.57 18.56 -30.60
C LEU A 191 19.96 19.98 -30.16
N ALA A 192 20.12 20.88 -31.11
CA ALA A 192 20.48 22.26 -30.80
C ALA A 192 19.39 22.96 -29.98
N SER A 193 18.14 22.76 -30.37
CA SER A 193 17.02 23.36 -29.67
C SER A 193 17.03 22.80 -28.24
N PHE A 194 17.29 21.49 -28.15
CA PHE A 194 17.35 20.74 -26.90
C PHE A 194 18.41 21.31 -25.98
N GLN A 195 19.63 21.45 -26.48
CA GLN A 195 20.73 21.98 -25.70
C GLN A 195 20.41 23.35 -25.13
N ARG A 196 19.90 24.25 -25.98
CA ARG A 196 19.55 25.59 -25.54
C ARG A 196 18.52 25.53 -24.44
N ALA A 197 17.45 24.77 -24.69
CA ALA A 197 16.40 24.61 -23.70
C ALA A 197 17.00 24.14 -22.37
N LEU A 198 18.00 23.27 -22.44
CA LEU A 198 18.65 22.77 -21.22
C LEU A 198 19.36 23.93 -20.52
N ASP A 199 20.22 24.62 -21.27
CA ASP A 199 20.94 25.76 -20.72
C ASP A 199 19.93 26.74 -20.12
N HIS A 200 18.81 26.95 -20.81
CA HIS A 200 17.76 27.87 -20.37
C HIS A 200 17.24 27.57 -18.96
N ILE A 201 16.94 26.31 -18.68
CA ILE A 201 16.42 25.96 -17.37
C ILE A 201 17.54 25.84 -16.34
N THR A 202 18.75 25.53 -16.82
CA THR A 202 19.90 25.39 -15.95
C THR A 202 20.14 26.69 -15.20
N THR A 203 19.71 27.80 -15.82
CA THR A 203 19.85 29.12 -15.24
C THR A 203 19.08 29.18 -13.92
N LEU A 204 17.96 28.47 -13.87
CA LEU A 204 17.09 28.43 -12.69
C LEU A 204 17.73 27.69 -11.51
N LEU A 205 18.68 26.83 -11.81
CA LEU A 205 19.33 26.04 -10.77
C LEU A 205 20.51 26.72 -10.10
N ARG A 206 20.44 26.83 -8.77
CA ARG A 206 21.53 27.41 -8.00
C ARG A 206 22.79 26.60 -8.32
N PRO A 207 23.96 27.24 -8.36
CA PRO A 207 25.18 26.47 -8.66
C PRO A 207 25.50 25.50 -7.53
N GLY A 208 25.57 24.21 -7.85
CA GLY A 208 25.86 23.22 -6.82
C GLY A 208 24.59 22.45 -6.48
N GLY A 209 23.48 22.88 -7.07
CA GLY A 209 22.19 22.24 -6.86
C GLY A 209 22.04 21.02 -7.76
N HIS A 210 20.96 20.26 -7.59
CA HIS A 210 20.81 19.07 -8.40
C HIS A 210 19.70 19.08 -9.43
N LEU A 211 19.89 18.22 -10.42
CA LEU A 211 18.93 18.05 -11.51
C LEU A 211 18.63 16.58 -11.71
N LEU A 212 17.34 16.27 -11.79
CA LEU A 212 16.89 14.91 -12.01
C LEU A 212 16.11 14.97 -13.32
N LEU A 213 16.77 14.53 -14.38
CA LEU A 213 16.18 14.56 -15.70
C LEU A 213 15.80 13.18 -16.20
N ILE A 214 14.53 13.05 -16.58
CA ILE A 214 14.01 11.81 -17.12
C ILE A 214 13.59 12.07 -18.55
N GLY A 215 13.65 11.06 -19.41
CA GLY A 215 13.26 11.31 -20.77
C GLY A 215 13.20 10.11 -21.68
N ALA A 216 12.74 10.36 -22.90
CA ALA A 216 12.59 9.34 -23.92
C ALA A 216 13.80 9.26 -24.86
N LEU A 217 14.32 8.06 -25.01
CA LEU A 217 15.46 7.81 -25.88
C LEU A 217 15.00 7.39 -27.27
N GLU A 218 15.59 8.01 -28.29
CA GLU A 218 15.30 7.72 -29.69
C GLU A 218 13.83 7.73 -30.07
N GLU A 219 13.09 8.70 -29.52
CA GLU A 219 11.67 8.81 -29.82
C GLU A 219 11.50 9.97 -30.77
N SER A 220 10.50 9.91 -31.65
CA SER A 220 10.30 11.00 -32.58
C SER A 220 8.89 11.53 -32.66
N TRP A 221 7.97 10.89 -31.93
CA TRP A 221 6.57 11.34 -31.92
C TRP A 221 5.78 10.58 -30.86
N TYR A 222 4.65 11.15 -30.49
CA TYR A 222 3.79 10.52 -29.50
C TYR A 222 2.44 11.21 -29.60
N LEU A 223 1.38 10.44 -29.44
CA LEU A 223 0.03 10.99 -29.53
C LEU A 223 -0.49 11.46 -28.20
N ALA A 224 -1.49 12.32 -28.26
CA ALA A 224 -2.13 12.85 -27.07
C ALA A 224 -3.51 13.30 -27.50
N GLY A 225 -4.38 12.34 -27.80
CA GLY A 225 -5.73 12.66 -28.24
C GLY A 225 -5.58 13.14 -29.66
N GLU A 226 -6.10 14.33 -29.96
CA GLU A 226 -6.00 14.88 -31.31
C GLU A 226 -4.59 15.23 -31.75
N ALA A 227 -3.80 15.76 -30.82
CA ALA A 227 -2.43 16.19 -31.09
C ALA A 227 -1.47 15.07 -31.48
N ARG A 228 -0.52 15.44 -32.35
CA ARG A 228 0.52 14.53 -32.84
C ARG A 228 1.81 15.34 -32.70
N LEU A 229 2.49 15.14 -31.58
CA LEU A 229 3.72 15.88 -31.28
C LEU A 229 5.00 15.28 -31.82
N THR A 230 5.86 16.17 -32.29
CA THR A 230 7.16 15.79 -32.84
C THR A 230 8.11 15.67 -31.66
N VAL A 231 9.02 14.71 -31.74
CA VAL A 231 9.97 14.51 -30.66
C VAL A 231 11.34 14.42 -31.32
N VAL A 232 12.38 14.80 -30.58
CA VAL A 232 13.71 14.69 -31.14
C VAL A 232 14.37 13.44 -30.58
N PRO A 233 14.60 12.42 -31.43
CA PRO A 233 15.23 11.19 -30.97
C PRO A 233 16.61 11.47 -30.44
N VAL A 234 16.84 11.16 -29.17
CA VAL A 234 18.15 11.40 -28.58
C VAL A 234 18.76 10.12 -27.99
N SER A 235 20.06 10.13 -27.73
CA SER A 235 20.73 8.95 -27.18
C SER A 235 21.34 9.25 -25.82
N GLU A 236 21.71 8.19 -25.11
CA GLU A 236 22.31 8.36 -23.78
C GLU A 236 23.59 9.22 -23.86
N GLU A 237 24.33 9.08 -24.96
CA GLU A 237 25.56 9.85 -25.11
C GLU A 237 25.21 11.29 -25.47
N GLU A 238 24.27 11.46 -26.40
CA GLU A 238 23.86 12.82 -26.78
C GLU A 238 23.34 13.56 -25.55
N VAL A 239 22.54 12.87 -24.73
CA VAL A 239 21.98 13.49 -23.54
C VAL A 239 23.07 13.82 -22.53
N ARG A 240 24.01 12.91 -22.34
CA ARG A 240 25.10 13.18 -21.40
C ARG A 240 25.98 14.32 -21.88
N GLU A 241 26.53 14.15 -23.08
CA GLU A 241 27.40 15.15 -23.65
C GLU A 241 26.78 16.54 -23.54
N ALA A 242 25.47 16.59 -23.73
CA ALA A 242 24.71 17.84 -23.65
C ALA A 242 24.58 18.32 -22.20
N LEU A 243 24.53 17.38 -21.27
CA LEU A 243 24.43 17.70 -19.84
C LEU A 243 25.74 18.31 -19.40
N VAL A 244 26.83 17.74 -19.88
CA VAL A 244 28.14 18.24 -19.55
C VAL A 244 28.27 19.62 -20.16
N ARG A 245 27.87 19.72 -21.43
CA ARG A 245 27.93 20.98 -22.15
C ARG A 245 27.17 22.08 -21.44
N SER A 246 26.07 21.74 -20.78
CA SER A 246 25.29 22.74 -20.08
C SER A 246 25.94 23.18 -18.77
N GLY A 247 26.92 22.40 -18.31
CA GLY A 247 27.61 22.76 -17.07
C GLY A 247 27.40 21.84 -15.88
N TYR A 248 27.01 20.59 -16.14
CA TYR A 248 26.80 19.65 -15.06
C TYR A 248 27.90 18.60 -14.95
N LYS A 249 27.95 17.95 -13.79
CA LYS A 249 28.88 16.84 -13.54
C LYS A 249 28.09 15.56 -13.34
N VAL A 250 27.89 14.84 -14.43
CA VAL A 250 26.95 13.73 -14.48
C VAL A 250 27.17 12.74 -13.37
N ARG A 251 26.29 12.77 -12.38
CA ARG A 251 26.40 11.87 -11.24
C ARG A 251 25.97 10.43 -11.58
N ASP A 252 24.78 10.28 -12.16
CA ASP A 252 24.28 8.96 -12.53
C ASP A 252 23.40 9.04 -13.79
N LEU A 253 23.59 8.08 -14.70
CA LEU A 253 22.82 8.07 -15.92
C LEU A 253 22.47 6.65 -16.33
N ARG A 254 21.18 6.31 -16.22
CA ARG A 254 20.67 4.98 -16.54
C ARG A 254 19.72 4.88 -17.74
N THR A 255 19.69 3.69 -18.34
CA THR A 255 18.83 3.42 -19.50
C THR A 255 17.97 2.19 -19.33
N TYR A 256 16.69 2.39 -19.62
CA TYR A 256 15.70 1.34 -19.54
C TYR A 256 15.22 1.13 -20.97
N ILE A 257 15.30 -0.11 -21.45
CA ILE A 257 14.87 -0.42 -22.80
C ILE A 257 13.39 -0.83 -22.75
N MET A 258 12.56 -0.08 -23.49
CA MET A 258 11.13 -0.34 -23.51
C MET A 258 10.84 -1.72 -24.06
N PRO A 259 10.23 -2.60 -23.26
CA PRO A 259 9.91 -3.96 -23.72
C PRO A 259 8.83 -3.93 -24.80
N ALA A 260 8.74 -5.01 -25.56
CA ALA A 260 7.77 -5.09 -26.62
C ALA A 260 6.35 -4.92 -26.11
N HIS A 261 6.07 -5.40 -24.90
CA HIS A 261 4.71 -5.28 -24.38
C HIS A 261 4.36 -3.86 -23.99
N LEU A 262 5.34 -2.96 -23.92
CA LEU A 262 4.99 -1.60 -23.55
C LEU A 262 5.00 -0.67 -24.75
N GLN A 263 5.07 -1.26 -25.95
CA GLN A 263 4.91 -0.50 -27.20
C GLN A 263 3.47 -0.64 -27.69
N THR A 264 2.80 0.51 -27.87
CA THR A 264 1.36 0.52 -28.03
C THR A 264 0.90 1.56 -29.06
N GLY A 265 1.87 2.14 -29.76
CA GLY A 265 1.56 3.01 -30.87
C GLY A 265 0.97 4.34 -30.45
N VAL A 266 1.16 4.68 -29.18
CA VAL A 266 0.83 6.02 -28.69
C VAL A 266 2.09 6.83 -28.98
N ASP A 267 3.17 6.11 -29.26
CA ASP A 267 4.44 6.73 -29.61
C ASP A 267 5.38 5.67 -30.17
N ASP A 268 6.61 6.07 -30.43
CA ASP A 268 7.62 5.18 -30.98
C ASP A 268 8.89 5.13 -30.13
N VAL A 269 8.76 5.53 -28.87
CA VAL A 269 9.90 5.54 -27.93
C VAL A 269 10.64 4.17 -27.90
N LYS A 270 11.97 4.19 -27.75
CA LYS A 270 12.79 2.95 -27.70
C LYS A 270 13.17 2.55 -26.29
N GLY A 271 13.55 3.53 -25.49
CA GLY A 271 13.94 3.27 -24.12
C GLY A 271 13.76 4.56 -23.36
N VAL A 272 14.00 4.54 -22.04
CA VAL A 272 13.86 5.74 -21.24
C VAL A 272 15.12 5.97 -20.42
N PHE A 273 15.50 7.22 -20.25
CA PHE A 273 16.71 7.54 -19.50
C PHE A 273 16.47 8.31 -18.22
N PHE A 274 17.35 8.08 -17.27
CA PHE A 274 17.31 8.76 -15.99
C PHE A 274 18.67 9.39 -15.77
N ALA A 275 18.68 10.66 -15.36
CA ALA A 275 19.92 11.38 -15.12
C ALA A 275 19.95 12.18 -13.82
N TRP A 276 20.99 11.96 -13.02
CA TRP A 276 21.17 12.70 -11.79
C TRP A 276 22.35 13.61 -12.07
N ALA A 277 22.05 14.85 -12.41
CA ALA A 277 23.13 15.79 -12.72
C ALA A 277 23.34 16.79 -11.60
N GLN A 278 24.56 17.29 -11.51
CA GLN A 278 24.92 18.28 -10.52
C GLN A 278 25.59 19.47 -11.17
N LYS A 279 24.99 20.64 -11.01
CA LYS A 279 25.54 21.86 -11.58
C LYS A 279 26.81 22.25 -10.83
N VAL A 280 27.93 22.25 -11.53
CA VAL A 280 29.19 22.62 -10.91
C VAL A 280 29.82 23.72 -11.76
N PRO B 14 -19.78 -29.73 36.28
CA PRO B 14 -20.72 -28.66 35.87
C PRO B 14 -21.39 -28.88 34.51
N ASP B 15 -22.22 -27.91 34.14
CA ASP B 15 -22.98 -27.93 32.88
C ASP B 15 -22.44 -26.84 31.97
N SER B 16 -22.21 -27.18 30.70
CA SER B 16 -21.70 -26.20 29.75
C SER B 16 -22.77 -25.75 28.75
N ALA B 17 -23.62 -26.69 28.33
CA ALA B 17 -24.69 -26.39 27.37
C ALA B 17 -25.45 -25.08 27.65
N PRO B 18 -25.84 -24.82 28.91
CA PRO B 18 -26.57 -23.60 29.24
C PRO B 18 -25.89 -22.34 28.71
N GLY B 19 -24.71 -22.04 29.25
CA GLY B 19 -23.97 -20.86 28.81
C GLY B 19 -23.78 -20.84 27.31
N GLN B 20 -23.32 -21.96 26.76
CA GLN B 20 -23.09 -22.10 25.32
C GLN B 20 -24.33 -21.72 24.51
N ALA B 21 -25.49 -22.16 24.98
CA ALA B 21 -26.76 -21.86 24.32
C ALA B 21 -27.02 -20.35 24.36
N ALA B 22 -26.54 -19.71 25.43
CA ALA B 22 -26.70 -18.26 25.59
C ALA B 22 -25.94 -17.54 24.49
N VAL B 23 -24.65 -17.85 24.37
CA VAL B 23 -23.80 -17.27 23.35
C VAL B 23 -24.45 -17.41 21.97
N ALA B 24 -24.59 -18.65 21.50
CA ALA B 24 -25.23 -18.93 20.20
C ALA B 24 -26.45 -18.03 19.93
N SER B 25 -27.27 -17.84 20.96
CA SER B 25 -28.48 -17.02 20.86
C SER B 25 -28.16 -15.55 20.68
N ALA B 26 -27.19 -15.04 21.44
CA ALA B 26 -26.84 -13.64 21.33
C ALA B 26 -26.18 -13.35 19.99
N TYR B 27 -25.75 -14.42 19.30
CA TYR B 27 -25.06 -14.29 18.03
C TYR B 27 -25.97 -14.43 16.82
N GLN B 28 -27.27 -14.59 17.07
CA GLN B 28 -28.24 -14.59 15.99
C GLN B 28 -28.61 -13.12 15.75
N ARG B 29 -27.98 -12.25 16.52
CA ARG B 29 -28.21 -10.81 16.45
C ARG B 29 -26.98 -10.06 15.93
N PHE B 30 -25.96 -10.82 15.54
CA PHE B 30 -24.70 -10.27 15.03
C PHE B 30 -24.92 -9.68 13.64
N GLU B 31 -24.51 -8.44 13.42
CA GLU B 31 -24.66 -7.78 12.11
C GLU B 31 -23.32 -7.50 11.47
N PRO B 32 -22.82 -8.43 10.63
CA PRO B 32 -21.52 -8.30 9.94
C PRO B 32 -21.13 -6.89 9.53
N ARG B 33 -22.01 -6.18 8.83
CA ARG B 33 -21.66 -4.82 8.41
C ARG B 33 -21.38 -3.89 9.58
N ALA B 34 -22.23 -3.91 10.60
CA ALA B 34 -22.03 -3.05 11.76
C ALA B 34 -20.67 -3.33 12.40
N TYR B 35 -20.36 -4.62 12.54
CA TYR B 35 -19.11 -5.07 13.13
C TYR B 35 -17.91 -4.50 12.38
N LEU B 36 -17.90 -4.66 11.06
CA LEU B 36 -16.82 -4.15 10.24
C LEU B 36 -16.69 -2.64 10.40
N ARG B 37 -17.80 -1.98 10.66
CA ARG B 37 -17.77 -0.55 10.81
C ARG B 37 -17.10 -0.18 12.15
N ASN B 38 -17.62 -0.74 13.23
CA ASN B 38 -17.12 -0.45 14.56
C ASN B 38 -15.66 -0.79 14.80
N ASN B 39 -15.16 -1.81 14.09
CA ASN B 39 -13.84 -2.34 14.36
C ASN B 39 -12.77 -1.98 13.36
N TYR B 40 -13.16 -1.95 12.09
CA TYR B 40 -12.19 -2.05 10.99
C TYR B 40 -12.24 -0.90 10.02
N ALA B 41 -13.14 0.03 10.28
CA ALA B 41 -13.15 1.31 9.58
C ALA B 41 -12.41 2.26 10.57
N PRO B 42 -12.16 3.52 10.19
CA PRO B 42 -11.47 4.37 11.16
C PRO B 42 -12.32 4.58 12.42
N PRO B 43 -11.69 5.04 13.51
CA PRO B 43 -10.27 5.39 13.67
C PRO B 43 -9.42 4.14 13.89
N ARG B 44 -10.08 3.04 14.26
CA ARG B 44 -9.38 1.78 14.49
C ARG B 44 -8.77 1.22 13.20
N GLY B 45 -9.46 1.42 12.08
CA GLY B 45 -8.97 0.93 10.81
C GLY B 45 -8.01 1.88 10.11
N ASP B 46 -7.60 2.94 10.81
CA ASP B 46 -6.67 3.92 10.26
C ASP B 46 -5.29 3.33 10.41
N LEU B 47 -4.70 2.90 9.29
CA LEU B 47 -3.38 2.29 9.32
C LEU B 47 -2.24 3.31 9.20
N CYS B 48 -2.59 4.59 9.13
CA CYS B 48 -1.55 5.59 9.00
C CYS B 48 -0.89 5.90 10.33
N ASN B 49 -1.65 5.88 11.42
CA ASN B 49 -1.05 6.14 12.72
C ASN B 49 -0.25 4.90 13.08
N PRO B 50 1.08 5.04 13.21
CA PRO B 50 1.98 3.92 13.56
C PRO B 50 1.68 3.35 14.92
N ASN B 51 1.06 4.18 15.75
CA ASN B 51 0.75 3.80 17.11
C ASN B 51 -0.60 3.23 17.28
N GLY B 52 -1.27 2.97 16.16
CA GLY B 52 -2.60 2.41 16.17
C GLY B 52 -2.53 0.91 16.39
N VAL B 53 -3.67 0.30 16.68
CA VAL B 53 -3.74 -1.13 16.94
C VAL B 53 -3.73 -1.91 15.63
N GLY B 54 -4.08 -1.24 14.54
CA GLY B 54 -4.09 -1.91 13.25
C GLY B 54 -2.66 -2.22 12.86
N PRO B 55 -1.83 -1.20 12.71
CA PRO B 55 -0.45 -1.41 12.33
C PRO B 55 0.20 -2.43 13.26
N TRP B 56 -0.09 -2.29 14.55
CA TRP B 56 0.48 -3.18 15.54
C TRP B 56 0.13 -4.64 15.29
N ALA B 57 -1.14 -4.90 15.02
CA ALA B 57 -1.57 -6.27 14.78
C ALA B 57 -0.98 -6.86 13.49
N LEU B 58 -1.08 -6.11 12.39
CA LEU B 58 -0.55 -6.58 11.11
C LEU B 58 0.96 -6.81 11.24
N ARG B 59 1.60 -5.99 12.08
CA ARG B 59 3.04 -6.10 12.32
C ARG B 59 3.41 -7.41 13.08
N CYS B 60 2.76 -7.68 14.21
CA CYS B 60 3.08 -8.91 14.94
C CYS B 60 2.95 -10.03 13.96
N LEU B 61 1.85 -10.03 13.22
CA LEU B 61 1.62 -11.06 12.23
C LEU B 61 2.78 -11.18 11.24
N ALA B 62 3.16 -10.05 10.64
CA ALA B 62 4.26 -10.03 9.67
C ALA B 62 5.58 -10.56 10.26
N GLN B 63 6.02 -9.97 11.38
CA GLN B 63 7.26 -10.39 12.03
C GLN B 63 7.24 -11.89 12.36
N THR B 64 6.09 -12.40 12.77
CA THR B 64 6.00 -13.81 13.09
C THR B 64 6.29 -14.62 11.84
N PHE B 65 5.50 -14.43 10.79
CA PHE B 65 5.75 -15.17 9.55
C PHE B 65 7.11 -14.92 8.90
N ALA B 66 7.79 -13.86 9.34
CA ALA B 66 9.11 -13.50 8.79
C ALA B 66 10.19 -14.45 9.29
N THR B 67 10.05 -14.93 10.52
CA THR B 67 11.03 -15.85 11.08
C THR B 67 11.07 -17.10 10.20
N GLY B 68 10.09 -17.21 9.31
CA GLY B 68 10.03 -18.35 8.41
C GLY B 68 9.80 -19.67 9.14
N GLU B 69 9.74 -19.59 10.48
CA GLU B 69 9.55 -20.78 11.29
C GLU B 69 8.13 -21.29 11.33
N VAL B 70 7.25 -20.62 10.59
CA VAL B 70 5.87 -21.06 10.56
C VAL B 70 5.47 -21.33 9.15
N SER B 71 5.33 -22.61 8.81
CA SER B 71 4.93 -22.95 7.47
C SER B 71 4.31 -24.33 7.38
N GLY B 72 4.09 -24.76 6.14
CA GLY B 72 3.49 -26.05 5.86
C GLY B 72 2.58 -25.95 4.64
N ARG B 73 1.52 -26.75 4.62
CA ARG B 73 0.63 -26.74 3.48
C ARG B 73 -0.74 -26.22 3.90
N THR B 74 -1.30 -26.77 4.98
CA THR B 74 -2.62 -26.37 5.49
C THR B 74 -2.62 -25.34 6.62
N LEU B 75 -3.69 -24.56 6.67
CA LEU B 75 -3.88 -23.54 7.69
C LEU B 75 -5.37 -23.40 7.93
N ILE B 76 -5.77 -23.16 9.17
CA ILE B 76 -7.17 -22.98 9.45
C ILE B 76 -7.37 -21.76 10.32
N ASP B 77 -8.28 -20.89 9.90
CA ASP B 77 -8.59 -19.67 10.65
C ASP B 77 -9.84 -19.93 11.47
N ILE B 78 -9.70 -19.89 12.80
CA ILE B 78 -10.83 -20.12 13.68
C ILE B 78 -11.56 -18.82 14.00
N GLY B 79 -12.86 -18.78 13.69
CA GLY B 79 -13.65 -17.59 13.97
C GLY B 79 -13.35 -16.46 13.00
N SER B 80 -13.15 -16.81 11.74
CA SER B 80 -12.83 -15.85 10.68
C SER B 80 -13.66 -14.57 10.73
N GLY B 81 -14.94 -14.72 11.05
CA GLY B 81 -15.81 -13.56 11.08
C GLY B 81 -15.92 -13.02 9.67
N PRO B 82 -16.25 -11.73 9.49
CA PRO B 82 -16.34 -11.23 8.12
C PRO B 82 -15.02 -10.56 7.72
N THR B 83 -13.92 -11.02 8.31
CA THR B 83 -12.61 -10.40 8.06
C THR B 83 -11.52 -11.27 7.42
N VAL B 84 -10.54 -10.61 6.81
CA VAL B 84 -9.40 -11.30 6.17
C VAL B 84 -8.01 -10.77 6.56
N TYR B 85 -7.99 -9.60 7.20
CA TYR B 85 -6.73 -9.00 7.63
C TYR B 85 -5.81 -10.03 8.32
N GLN B 86 -6.38 -10.82 9.22
CA GLN B 86 -5.59 -11.76 10.02
C GLN B 86 -4.80 -12.77 9.17
N LEU B 87 -5.13 -12.82 7.88
CA LEU B 87 -4.49 -13.76 6.97
C LEU B 87 -3.53 -13.15 5.93
N LEU B 88 -3.59 -11.84 5.75
CA LEU B 88 -2.75 -11.19 4.74
C LEU B 88 -1.28 -11.60 4.70
N SER B 89 -0.59 -11.59 5.85
CA SER B 89 0.83 -11.98 5.85
C SER B 89 1.01 -13.48 5.81
N ALA B 90 -0.02 -14.18 6.25
CA ALA B 90 0.00 -15.63 6.32
C ALA B 90 -0.16 -16.39 5.02
N CYS B 91 -1.01 -15.90 4.13
CA CYS B 91 -1.29 -16.61 2.88
C CYS B 91 -0.10 -16.99 2.01
N SER B 92 0.95 -16.19 2.04
CA SER B 92 2.10 -16.51 1.20
C SER B 92 2.95 -17.61 1.84
N HIS B 93 2.35 -18.40 2.73
CA HIS B 93 3.09 -19.43 3.43
C HIS B 93 2.38 -20.78 3.46
N PHE B 94 1.08 -20.76 3.17
CA PHE B 94 0.27 -21.98 3.19
C PHE B 94 -0.62 -22.03 1.96
N GLU B 95 -0.58 -23.14 1.24
CA GLU B 95 -1.32 -23.27 -0.01
C GLU B 95 -2.76 -23.73 0.17
N ASP B 96 -3.07 -24.28 1.32
CA ASP B 96 -4.42 -24.73 1.58
C ASP B 96 -4.92 -24.04 2.85
N ILE B 97 -5.61 -22.93 2.65
CA ILE B 97 -6.18 -22.14 3.75
C ILE B 97 -7.66 -22.47 3.92
N THR B 98 -8.07 -22.69 5.17
CA THR B 98 -9.47 -22.98 5.45
C THR B 98 -10.04 -21.90 6.38
N MET B 99 -11.02 -21.17 5.89
CA MET B 99 -11.64 -20.14 6.71
C MET B 99 -12.89 -20.71 7.37
N THR B 100 -13.28 -20.13 8.50
CA THR B 100 -14.44 -20.66 9.21
C THR B 100 -15.24 -19.65 10.02
N ASP B 101 -16.42 -20.08 10.42
CA ASP B 101 -17.28 -19.27 11.24
C ASP B 101 -18.61 -19.95 11.50
N PHE B 102 -19.14 -19.64 12.68
CA PHE B 102 -20.39 -20.17 13.17
C PHE B 102 -21.60 -19.59 12.43
N LEU B 103 -21.52 -18.30 12.09
CA LEU B 103 -22.62 -17.64 11.39
C LEU B 103 -22.59 -17.71 9.88
N GLU B 104 -23.71 -18.09 9.30
CA GLU B 104 -23.84 -18.20 7.86
C GLU B 104 -23.64 -16.81 7.27
N VAL B 105 -24.30 -15.81 7.85
CA VAL B 105 -24.21 -14.42 7.40
C VAL B 105 -22.80 -13.89 7.32
N ASN B 106 -21.92 -14.48 8.13
CA ASN B 106 -20.52 -14.09 8.12
C ASN B 106 -19.84 -14.84 6.99
N ARG B 107 -20.18 -16.12 6.86
CA ARG B 107 -19.59 -16.92 5.80
C ARG B 107 -19.95 -16.29 4.45
N GLN B 108 -21.10 -15.59 4.40
CA GLN B 108 -21.55 -14.94 3.16
C GLN B 108 -20.81 -13.64 2.91
N GLU B 109 -20.58 -12.89 3.97
CA GLU B 109 -19.90 -11.61 3.83
C GLU B 109 -18.50 -11.85 3.31
N LEU B 110 -17.98 -13.05 3.59
CA LEU B 110 -16.67 -13.46 3.11
C LEU B 110 -16.86 -13.79 1.62
N GLY B 111 -17.81 -14.67 1.33
CA GLY B 111 -18.11 -15.04 -0.04
C GLY B 111 -18.13 -13.83 -0.97
N ARG B 112 -18.65 -12.70 -0.49
CA ARG B 112 -18.69 -11.49 -1.30
C ARG B 112 -17.26 -11.05 -1.63
N TRP B 113 -16.40 -11.06 -0.63
CA TRP B 113 -15.02 -10.64 -0.87
C TRP B 113 -14.29 -11.63 -1.76
N LEU B 114 -14.62 -12.89 -1.63
CA LEU B 114 -13.97 -13.91 -2.43
C LEU B 114 -14.38 -13.82 -3.90
N GLN B 115 -15.59 -13.35 -4.14
CA GLN B 115 -16.10 -13.22 -5.50
C GLN B 115 -15.65 -11.90 -6.07
N GLU B 116 -14.94 -11.12 -5.27
CA GLU B 116 -14.48 -9.84 -5.74
C GLU B 116 -15.68 -8.96 -6.09
N GLU B 117 -16.79 -9.13 -5.36
CA GLU B 117 -17.97 -8.33 -5.60
C GLU B 117 -17.75 -6.95 -5.03
N PRO B 118 -18.38 -5.93 -5.63
CA PRO B 118 -18.22 -4.56 -5.14
C PRO B 118 -18.91 -4.33 -3.80
N GLY B 119 -19.94 -5.12 -3.52
CA GLY B 119 -20.63 -4.97 -2.26
C GLY B 119 -19.68 -5.27 -1.11
N ALA B 120 -18.81 -6.24 -1.32
CA ALA B 120 -17.85 -6.67 -0.34
C ALA B 120 -17.18 -5.52 0.43
N PHE B 121 -16.66 -5.85 1.62
CA PHE B 121 -15.97 -4.88 2.42
C PHE B 121 -14.63 -4.71 1.71
N ASN B 122 -14.12 -3.47 1.67
CA ASN B 122 -12.86 -3.20 1.01
C ASN B 122 -11.64 -3.25 1.93
N TRP B 123 -10.86 -4.32 1.78
CA TRP B 123 -9.68 -4.53 2.60
C TRP B 123 -8.39 -4.06 1.94
N SER B 124 -8.50 -3.34 0.83
CA SER B 124 -7.31 -2.90 0.15
C SER B 124 -6.32 -2.10 1.00
N MET B 125 -6.80 -1.29 1.95
CA MET B 125 -5.90 -0.52 2.80
C MET B 125 -5.03 -1.46 3.61
N TYR B 126 -5.65 -2.54 4.09
CA TYR B 126 -4.93 -3.52 4.87
C TYR B 126 -3.95 -4.29 3.97
N SER B 127 -4.45 -4.79 2.84
CA SER B 127 -3.62 -5.50 1.89
C SER B 127 -2.40 -4.65 1.59
N GLN B 128 -2.65 -3.38 1.28
CA GLN B 128 -1.59 -2.43 0.99
C GLN B 128 -0.66 -2.25 2.18
N HIS B 129 -1.21 -2.22 3.39
CA HIS B 129 -0.32 -2.04 4.52
C HIS B 129 0.56 -3.26 4.77
N ALA B 130 0.06 -4.44 4.44
CA ALA B 130 0.85 -5.66 4.66
C ALA B 130 2.04 -5.80 3.70
N CYS B 131 1.82 -5.43 2.44
CA CYS B 131 2.88 -5.51 1.44
C CYS B 131 3.97 -4.54 1.83
N LEU B 132 3.55 -3.44 2.45
CA LEU B 132 4.45 -2.41 2.89
C LEU B 132 5.34 -2.92 4.01
N ILE B 133 4.75 -3.58 5.01
CA ILE B 133 5.59 -4.05 6.10
C ILE B 133 6.26 -5.39 5.88
N GLU B 134 5.84 -6.13 4.87
CA GLU B 134 6.49 -7.41 4.57
C GLU B 134 7.81 -7.10 3.83
N GLY B 135 7.94 -5.87 3.34
CA GLY B 135 9.14 -5.43 2.66
C GLY B 135 9.60 -6.16 1.40
N LYS B 136 8.71 -6.87 0.74
CA LYS B 136 9.09 -7.58 -0.46
C LYS B 136 8.59 -6.84 -1.67
N GLY B 137 8.15 -5.61 -1.46
CA GLY B 137 7.65 -4.80 -2.56
C GLY B 137 6.53 -5.43 -3.38
N GLU B 138 5.76 -6.34 -2.78
CA GLU B 138 4.65 -6.98 -3.49
C GLU B 138 3.56 -5.93 -3.66
N CYS B 139 2.83 -5.99 -4.77
CA CYS B 139 1.76 -5.01 -4.98
C CYS B 139 0.57 -5.66 -4.29
N TRP B 140 -0.29 -4.86 -3.66
CA TRP B 140 -1.40 -5.48 -2.93
C TRP B 140 -2.36 -6.37 -3.68
N GLN B 141 -2.56 -6.13 -4.96
CA GLN B 141 -3.48 -6.97 -5.70
C GLN B 141 -2.91 -8.35 -5.88
N ASP B 142 -1.58 -8.46 -5.96
CA ASP B 142 -0.98 -9.78 -6.11
C ASP B 142 -1.23 -10.48 -4.79
N LYS B 143 -1.22 -9.70 -3.72
CA LYS B 143 -1.47 -10.20 -2.38
C LYS B 143 -2.91 -10.65 -2.30
N GLU B 144 -3.85 -9.75 -2.62
CA GLU B 144 -5.27 -10.11 -2.55
C GLU B 144 -5.62 -11.28 -3.45
N ARG B 145 -4.99 -11.35 -4.61
CA ARG B 145 -5.26 -12.44 -5.55
C ARG B 145 -4.79 -13.76 -4.97
N GLN B 146 -3.66 -13.73 -4.28
CA GLN B 146 -3.09 -14.94 -3.67
C GLN B 146 -3.95 -15.46 -2.55
N LEU B 147 -4.55 -14.56 -1.79
CA LEU B 147 -5.40 -14.97 -0.69
C LEU B 147 -6.63 -15.65 -1.22
N ARG B 148 -7.28 -15.05 -2.21
CA ARG B 148 -8.47 -15.66 -2.77
C ARG B 148 -8.11 -17.02 -3.37
N ALA B 149 -6.92 -17.12 -3.96
CA ALA B 149 -6.47 -18.36 -4.61
C ALA B 149 -6.20 -19.47 -3.63
N ARG B 150 -5.74 -19.13 -2.43
CA ARG B 150 -5.43 -20.14 -1.44
C ARG B 150 -6.56 -20.48 -0.45
N VAL B 151 -7.61 -19.67 -0.42
CA VAL B 151 -8.73 -19.97 0.46
C VAL B 151 -9.49 -21.10 -0.23
N LYS B 152 -9.32 -22.32 0.26
CA LYS B 152 -9.94 -23.49 -0.36
C LYS B 152 -11.32 -23.88 0.13
N ARG B 153 -11.85 -23.14 1.09
CA ARG B 153 -13.17 -23.45 1.63
C ARG B 153 -13.48 -22.58 2.84
N VAL B 154 -14.75 -22.25 3.01
CA VAL B 154 -15.25 -21.46 4.13
C VAL B 154 -16.24 -22.40 4.81
N LEU B 155 -15.85 -22.93 5.97
CA LEU B 155 -16.68 -23.89 6.71
C LEU B 155 -17.35 -23.38 7.98
N PRO B 156 -18.40 -24.09 8.42
CA PRO B 156 -19.13 -23.72 9.65
C PRO B 156 -18.31 -24.30 10.79
N ILE B 157 -18.37 -23.67 11.95
CA ILE B 157 -17.60 -24.18 13.06
C ILE B 157 -18.14 -23.75 14.42
N ASP B 158 -18.00 -24.66 15.40
CA ASP B 158 -18.42 -24.42 16.78
C ASP B 158 -17.17 -24.77 17.60
N VAL B 159 -16.55 -23.80 18.25
CA VAL B 159 -15.35 -24.07 19.04
C VAL B 159 -15.70 -24.78 20.33
N HIS B 160 -16.98 -24.85 20.63
CA HIS B 160 -17.44 -25.50 21.85
C HIS B 160 -17.66 -27.00 21.70
N GLN B 161 -17.65 -27.51 20.47
CA GLN B 161 -17.86 -28.94 20.27
C GLN B 161 -16.53 -29.66 20.30
N PRO B 162 -16.51 -30.88 20.84
CA PRO B 162 -15.32 -31.73 20.94
C PRO B 162 -14.51 -31.78 19.65
N GLN B 163 -15.24 -31.62 18.55
CA GLN B 163 -14.66 -31.59 17.21
C GLN B 163 -15.29 -30.34 16.65
N PRO B 164 -14.60 -29.21 16.81
CA PRO B 164 -15.04 -27.89 16.34
C PRO B 164 -15.64 -27.83 14.94
N LEU B 165 -15.17 -28.71 14.05
CA LEU B 165 -15.63 -28.73 12.66
C LEU B 165 -16.68 -29.77 12.33
N GLY B 166 -17.09 -30.55 13.31
CA GLY B 166 -18.06 -31.59 13.03
C GLY B 166 -17.21 -32.82 12.73
N ALA B 167 -17.85 -33.97 12.56
CA ALA B 167 -17.11 -35.20 12.27
C ALA B 167 -17.07 -35.47 10.77
N GLY B 168 -15.95 -36.02 10.29
CA GLY B 168 -15.79 -36.30 8.87
C GLY B 168 -15.73 -35.04 8.02
N SER B 169 -15.28 -33.95 8.65
CA SER B 169 -15.18 -32.64 8.01
C SER B 169 -14.17 -32.51 6.87
N PRO B 170 -14.39 -31.50 6.01
CA PRO B 170 -13.61 -31.10 4.83
C PRO B 170 -12.16 -30.75 5.13
N ALA B 171 -11.98 -29.84 6.07
CA ALA B 171 -10.65 -29.40 6.46
C ALA B 171 -9.64 -30.55 6.48
N PRO B 172 -8.52 -30.37 5.77
CA PRO B 172 -7.53 -31.44 5.79
C PRO B 172 -6.94 -31.44 7.19
N LEU B 173 -7.45 -32.31 8.06
CA LEU B 173 -6.94 -32.39 9.42
C LEU B 173 -5.85 -33.45 9.49
N PRO B 174 -4.78 -33.20 10.25
CA PRO B 174 -4.59 -31.98 11.04
C PRO B 174 -3.93 -30.87 10.22
N ALA B 175 -4.09 -29.63 10.69
CA ALA B 175 -3.50 -28.48 10.03
C ALA B 175 -2.07 -28.27 10.53
N ASP B 176 -1.25 -27.57 9.76
CA ASP B 176 0.13 -27.30 10.16
C ASP B 176 0.21 -26.04 11.02
N ALA B 177 -0.87 -25.25 10.99
CA ALA B 177 -0.93 -24.01 11.75
C ALA B 177 -2.38 -23.57 11.94
N LEU B 178 -2.61 -22.81 13.00
CA LEU B 178 -3.94 -22.29 13.31
C LEU B 178 -3.83 -20.79 13.55
N VAL B 179 -4.87 -20.07 13.14
CA VAL B 179 -4.96 -18.63 13.31
C VAL B 179 -6.34 -18.32 13.85
N SER B 180 -6.41 -17.45 14.85
CA SER B 180 -7.72 -17.06 15.36
C SER B 180 -7.60 -15.70 16.00
N ALA B 181 -8.53 -14.82 15.64
CA ALA B 181 -8.52 -13.49 16.19
C ALA B 181 -9.87 -13.09 16.77
N PHE B 182 -9.82 -12.68 18.03
CA PHE B 182 -10.99 -12.23 18.76
C PHE B 182 -12.11 -13.22 18.76
N CYS B 183 -11.82 -14.50 18.74
CA CYS B 183 -12.91 -15.45 18.74
C CYS B 183 -13.20 -16.03 20.11
N LEU B 184 -12.35 -16.94 20.56
CA LEU B 184 -12.54 -17.58 21.84
C LEU B 184 -13.08 -16.69 22.99
N GLU B 185 -12.41 -15.60 23.31
CA GLU B 185 -12.92 -14.79 24.41
C GLU B 185 -14.34 -14.26 24.13
N ALA B 186 -14.59 -13.89 22.89
CA ALA B 186 -15.89 -13.33 22.50
C ALA B 186 -17.03 -14.34 22.40
N VAL B 187 -16.75 -15.63 22.54
CA VAL B 187 -17.83 -16.61 22.48
C VAL B 187 -17.83 -17.54 23.67
N SER B 188 -17.19 -17.11 24.75
CA SER B 188 -17.12 -17.90 25.97
C SER B 188 -17.70 -17.11 27.13
N PRO B 189 -18.45 -17.79 28.01
CA PRO B 189 -19.06 -17.15 29.17
C PRO B 189 -18.09 -16.96 30.34
N ASP B 190 -17.29 -17.98 30.58
CA ASP B 190 -16.31 -17.98 31.68
C ASP B 190 -14.93 -18.45 31.23
N LEU B 191 -13.92 -18.15 32.05
CA LEU B 191 -12.56 -18.57 31.71
C LEU B 191 -12.47 -20.09 31.49
N ALA B 192 -13.52 -20.79 31.92
CA ALA B 192 -13.56 -22.24 31.79
C ALA B 192 -13.92 -22.68 30.38
N SER B 193 -14.94 -22.02 29.83
CA SER B 193 -15.41 -22.30 28.48
C SER B 193 -14.22 -22.02 27.56
N PHE B 194 -13.58 -20.90 27.83
CA PHE B 194 -12.42 -20.45 27.09
C PHE B 194 -11.33 -21.53 27.03
N GLN B 195 -10.96 -22.05 28.19
CA GLN B 195 -9.94 -23.09 28.22
C GLN B 195 -10.44 -24.28 27.42
N ARG B 196 -11.69 -24.66 27.63
CA ARG B 196 -12.23 -25.80 26.91
C ARG B 196 -12.24 -25.58 25.41
N ALA B 197 -12.68 -24.40 24.99
CA ALA B 197 -12.71 -24.07 23.56
C ALA B 197 -11.30 -24.21 23.01
N LEU B 198 -10.33 -23.64 23.72
CA LEU B 198 -8.93 -23.73 23.30
C LEU B 198 -8.55 -25.19 23.10
N ASP B 199 -8.94 -26.03 24.04
CA ASP B 199 -8.63 -27.45 23.93
C ASP B 199 -9.22 -28.06 22.68
N HIS B 200 -10.49 -27.76 22.41
CA HIS B 200 -11.18 -28.28 21.24
C HIS B 200 -10.47 -27.96 19.94
N ILE B 201 -10.16 -26.69 19.74
CA ILE B 201 -9.50 -26.29 18.50
C ILE B 201 -8.10 -26.85 18.41
N THR B 202 -7.47 -27.03 19.55
CA THR B 202 -6.11 -27.55 19.56
C THR B 202 -6.05 -29.00 19.07
N THR B 203 -7.21 -29.62 18.94
CA THR B 203 -7.26 -30.99 18.47
C THR B 203 -7.18 -31.00 16.94
N LEU B 204 -7.10 -29.81 16.35
CA LEU B 204 -7.03 -29.65 14.89
C LEU B 204 -5.62 -29.31 14.41
N LEU B 205 -4.70 -29.12 15.34
CA LEU B 205 -3.33 -28.77 15.00
C LEU B 205 -2.35 -29.91 15.26
N ARG B 206 -1.49 -30.18 14.28
CA ARG B 206 -0.49 -31.24 14.42
C ARG B 206 0.52 -30.88 15.51
N PRO B 207 0.95 -31.89 16.29
CA PRO B 207 1.92 -31.61 17.34
C PRO B 207 3.14 -30.99 16.67
N GLY B 208 3.66 -29.93 17.27
CA GLY B 208 4.80 -29.26 16.66
C GLY B 208 4.27 -28.22 15.70
N GLY B 209 2.98 -27.95 15.83
CA GLY B 209 2.34 -26.97 14.98
C GLY B 209 2.33 -25.63 15.67
N HIS B 210 1.95 -24.59 14.93
CA HIS B 210 1.91 -23.26 15.49
C HIS B 210 0.49 -22.70 15.49
N LEU B 211 0.20 -21.92 16.52
CA LEU B 211 -1.09 -21.27 16.69
C LEU B 211 -0.87 -19.77 16.92
N LEU B 212 -1.43 -18.95 16.05
CA LEU B 212 -1.30 -17.51 16.23
C LEU B 212 -2.64 -17.09 16.81
N LEU B 213 -2.59 -16.45 17.95
CA LEU B 213 -3.83 -16.09 18.59
C LEU B 213 -3.89 -14.64 18.93
N ILE B 214 -4.94 -13.98 18.47
CA ILE B 214 -5.14 -12.57 18.78
C ILE B 214 -6.44 -12.42 19.55
N GLY B 215 -6.46 -11.52 20.53
CA GLY B 215 -7.68 -11.36 21.29
C GLY B 215 -7.82 -10.09 22.10
N ALA B 216 -8.96 -10.00 22.78
CA ALA B 216 -9.29 -8.85 23.60
C ALA B 216 -8.90 -9.04 25.05
N LEU B 217 -8.24 -8.03 25.60
CA LEU B 217 -7.81 -8.07 26.99
C LEU B 217 -8.77 -7.27 27.87
N GLU B 218 -9.28 -7.93 28.91
CA GLU B 218 -10.20 -7.33 29.89
C GLU B 218 -11.40 -6.65 29.26
N GLU B 219 -12.05 -7.36 28.33
CA GLU B 219 -13.23 -6.85 27.64
C GLU B 219 -14.45 -7.66 28.03
N SER B 220 -15.54 -6.96 28.33
CA SER B 220 -16.77 -7.63 28.75
C SER B 220 -17.93 -7.52 27.76
N TRP B 221 -17.86 -6.55 26.86
CA TRP B 221 -18.94 -6.38 25.88
C TRP B 221 -18.53 -5.61 24.63
N TYR B 222 -19.25 -5.86 23.54
CA TYR B 222 -18.96 -5.15 22.30
C TYR B 222 -20.25 -5.09 21.51
N LEU B 223 -20.31 -4.11 20.63
CA LEU B 223 -21.48 -3.92 19.81
C LEU B 223 -21.30 -4.43 18.40
N ALA B 224 -22.36 -5.01 17.85
CA ALA B 224 -22.36 -5.53 16.48
C ALA B 224 -23.74 -5.28 15.90
N GLY B 225 -24.17 -4.01 15.95
CA GLY B 225 -25.49 -3.65 15.45
C GLY B 225 -26.45 -3.58 16.62
N GLU B 226 -27.61 -4.23 16.52
CA GLU B 226 -28.56 -4.24 17.62
C GLU B 226 -27.84 -4.86 18.81
N ALA B 227 -27.22 -5.99 18.52
CA ALA B 227 -26.48 -6.81 19.48
C ALA B 227 -25.32 -6.19 20.28
N ARG B 228 -25.49 -6.24 21.60
CA ARG B 228 -24.48 -5.79 22.56
C ARG B 228 -24.11 -7.11 23.26
N LEU B 229 -23.10 -7.79 22.71
CA LEU B 229 -22.67 -9.10 23.22
C LEU B 229 -21.73 -9.15 24.40
N THR B 230 -21.91 -10.20 25.18
CA THR B 230 -21.15 -10.44 26.39
C THR B 230 -19.87 -11.22 26.17
N VAL B 231 -18.76 -10.57 26.52
CA VAL B 231 -17.44 -11.14 26.38
C VAL B 231 -16.89 -11.42 27.78
N VAL B 232 -16.08 -12.46 27.92
CA VAL B 232 -15.48 -12.73 29.22
C VAL B 232 -14.18 -11.94 29.22
N PRO B 233 -13.98 -11.10 30.26
CA PRO B 233 -12.75 -10.30 30.34
C PRO B 233 -11.60 -11.19 30.81
N VAL B 234 -10.58 -11.33 29.96
CA VAL B 234 -9.43 -12.16 30.31
C VAL B 234 -8.13 -11.34 30.38
N SER B 235 -7.20 -11.77 31.22
CA SER B 235 -5.92 -11.08 31.38
C SER B 235 -4.84 -11.76 30.54
N GLU B 236 -3.68 -11.11 30.43
CA GLU B 236 -2.57 -11.68 29.67
C GLU B 236 -2.15 -13.01 30.30
N GLU B 237 -2.00 -13.01 31.62
CA GLU B 237 -1.59 -14.20 32.37
C GLU B 237 -2.59 -15.32 32.27
N GLU B 238 -3.87 -14.97 32.16
CA GLU B 238 -4.92 -15.98 32.03
C GLU B 238 -4.79 -16.66 30.66
N VAL B 239 -4.39 -15.87 29.66
CA VAL B 239 -4.19 -16.42 28.33
C VAL B 239 -2.88 -17.21 28.33
N ARG B 240 -1.86 -16.70 29.03
CA ARG B 240 -0.57 -17.40 29.06
C ARG B 240 -0.78 -18.81 29.60
N GLU B 241 -1.44 -18.88 30.74
CA GLU B 241 -1.72 -20.16 31.38
C GLU B 241 -2.59 -21.07 30.53
N ALA B 242 -3.66 -20.52 29.97
CA ALA B 242 -4.57 -21.31 29.15
C ALA B 242 -3.85 -22.00 28.00
N LEU B 243 -2.86 -21.33 27.43
CA LEU B 243 -2.10 -21.89 26.32
C LEU B 243 -1.29 -23.07 26.87
N VAL B 244 -0.47 -22.78 27.88
CA VAL B 244 0.36 -23.79 28.52
C VAL B 244 -0.45 -25.02 28.95
N ARG B 245 -1.63 -24.78 29.50
CA ARG B 245 -2.50 -25.87 29.94
C ARG B 245 -2.90 -26.74 28.74
N SER B 246 -3.29 -26.10 27.64
CA SER B 246 -3.72 -26.84 26.46
C SER B 246 -2.60 -27.54 25.73
N GLY B 247 -1.39 -27.47 26.27
CA GLY B 247 -0.27 -28.16 25.66
C GLY B 247 0.56 -27.41 24.64
N TYR B 248 0.66 -26.10 24.81
CA TYR B 248 1.42 -25.22 23.91
C TYR B 248 2.61 -24.63 24.62
N LYS B 249 3.66 -24.34 23.87
CA LYS B 249 4.83 -23.70 24.43
C LYS B 249 4.71 -22.29 23.89
N VAL B 250 4.53 -21.32 24.79
CA VAL B 250 4.38 -19.93 24.36
C VAL B 250 5.68 -19.36 23.80
N ARG B 251 5.73 -19.23 22.48
CA ARG B 251 6.93 -18.70 21.79
C ARG B 251 6.99 -17.17 21.90
N ASP B 252 5.82 -16.54 22.00
CA ASP B 252 5.76 -15.08 22.09
C ASP B 252 4.37 -14.61 22.44
N LEU B 253 4.29 -13.67 23.38
CA LEU B 253 3.02 -13.15 23.81
C LEU B 253 3.14 -11.70 24.19
N ARG B 254 2.42 -10.84 23.47
CA ARG B 254 2.48 -9.43 23.77
C ARG B 254 1.12 -8.75 23.85
N THR B 255 1.12 -7.62 24.54
CA THR B 255 -0.06 -6.80 24.78
C THR B 255 0.09 -5.45 24.10
N TYR B 256 -1.06 -4.90 23.74
CA TYR B 256 -1.12 -3.57 23.15
C TYR B 256 -2.22 -2.87 23.95
N ILE B 257 -1.87 -1.80 24.64
CA ILE B 257 -2.85 -1.07 25.43
C ILE B 257 -3.64 -0.12 24.56
N MET B 258 -4.95 -0.33 24.52
CA MET B 258 -5.82 0.50 23.69
C MET B 258 -5.81 1.97 24.11
N PRO B 259 -5.36 2.86 23.21
CA PRO B 259 -5.30 4.30 23.49
C PRO B 259 -6.68 4.85 23.82
N ALA B 260 -6.72 5.98 24.50
CA ALA B 260 -7.99 6.54 24.86
C ALA B 260 -8.82 6.83 23.61
N HIS B 261 -8.15 7.40 22.62
CA HIS B 261 -8.83 7.77 21.41
C HIS B 261 -9.36 6.62 20.56
N LEU B 262 -8.91 5.40 20.83
CA LEU B 262 -9.42 4.26 20.07
C LEU B 262 -10.51 3.53 20.84
N GLN B 263 -10.88 4.07 22.00
CA GLN B 263 -11.94 3.50 22.82
C GLN B 263 -13.18 4.26 22.41
N THR B 264 -13.83 3.74 21.38
CA THR B 264 -15.01 4.37 20.80
C THR B 264 -16.39 3.93 21.27
N GLY B 265 -16.50 3.31 22.44
CA GLY B 265 -17.83 2.93 22.89
C GLY B 265 -18.52 1.86 22.05
N VAL B 266 -17.73 1.07 21.34
CA VAL B 266 -18.24 -0.02 20.53
C VAL B 266 -18.03 -1.27 21.39
N ASP B 267 -17.16 -1.11 22.38
CA ASP B 267 -16.82 -2.16 23.34
C ASP B 267 -16.06 -1.50 24.50
N ASP B 268 -15.66 -2.30 25.49
CA ASP B 268 -14.95 -1.78 26.65
C ASP B 268 -13.56 -2.39 26.75
N VAL B 269 -13.01 -2.79 25.60
CA VAL B 269 -11.69 -3.41 25.56
C VAL B 269 -10.60 -2.51 26.19
N LYS B 270 -9.64 -3.11 26.89
CA LYS B 270 -8.56 -2.32 27.51
C LYS B 270 -7.26 -2.50 26.75
N GLY B 271 -7.14 -3.63 26.06
CA GLY B 271 -5.95 -3.89 25.29
C GLY B 271 -6.13 -5.11 24.41
N VAL B 272 -5.18 -5.32 23.51
CA VAL B 272 -5.27 -6.48 22.62
C VAL B 272 -4.02 -7.34 22.77
N PHE B 273 -4.21 -8.65 22.71
CA PHE B 273 -3.08 -9.55 22.84
C PHE B 273 -2.82 -10.36 21.58
N PHE B 274 -1.53 -10.58 21.33
CA PHE B 274 -1.07 -11.37 20.19
C PHE B 274 -0.25 -12.47 20.80
N ALA B 275 -0.65 -13.71 20.53
CA ALA B 275 0.07 -14.84 21.08
C ALA B 275 0.61 -15.77 20.01
N TRP B 276 1.87 -16.18 20.15
CA TRP B 276 2.47 -17.13 19.21
C TRP B 276 2.79 -18.38 20.01
N ALA B 277 2.02 -19.43 19.77
CA ALA B 277 2.21 -20.68 20.50
C ALA B 277 2.45 -21.89 19.63
N GLN B 278 3.23 -22.83 20.15
CA GLN B 278 3.52 -24.06 19.41
C GLN B 278 3.04 -25.23 20.25
N LYS B 279 2.31 -26.14 19.62
CA LYS B 279 1.79 -27.31 20.31
C LYS B 279 2.95 -28.27 20.53
N VAL B 280 2.98 -28.91 21.70
CA VAL B 280 4.06 -29.84 22.01
C VAL B 280 3.85 -31.19 21.31
N GLY B 281 4.87 -31.62 20.57
CA GLY B 281 4.78 -32.89 19.86
C GLY B 281 6.11 -33.52 19.50
C12 F21 C . 7.27 6.73 -17.34
C13 F21 C . 7.38 6.46 -15.84
S2 F21 C . 5.68 6.24 -15.19
C15 F21 C . 4.90 5.03 -16.30
C14 F21 C . 5.14 5.52 -17.73
N1 F21 C . 6.58 5.60 -18.00
S1 F21 C . 6.79 5.66 -19.61
O2 F21 C . 8.15 5.29 -19.87
O1 F21 C . 5.88 4.64 -20.22
C7 F21 C . 6.46 7.18 -20.42
C8 F21 C . 6.79 7.27 -21.76
C9 F21 C . 6.55 8.46 -22.47
C1 F21 C . 6.95 8.52 -23.95
N2 F21 C . 6.38 9.71 -24.61
C3 F21 C . 6.66 10.90 -23.82
C11 F21 C . 6.35 12.17 -24.62
F1 F21 C . 7.30 12.36 -25.62
C4 F21 C . 5.79 10.86 -22.55
C10 F21 C . 6.01 9.54 -21.82
C5 F21 C . 5.67 9.45 -20.46
C6 F21 C . 5.90 8.28 -19.76
N SAH D . 6.48 15.73 -17.37
CA SAH D . 5.24 14.99 -17.60
CB SAH D . 4.64 15.39 -18.98
CG SAH D . 5.59 15.31 -20.18
SD SAH D . 4.79 15.68 -21.76
C SAH D . 5.51 13.48 -17.50
O SAH D . 4.82 12.66 -18.17
OXT SAH D . 6.42 13.14 -16.70
C5' SAH D . 5.66 17.20 -22.29
C4' SAH D . 5.14 18.42 -21.55
O4' SAH D . 5.87 19.63 -21.90
C3' SAH D . 3.66 18.74 -21.71
O3' SAH D . 3.07 18.84 -20.43
C2' SAH D . 3.66 20.07 -22.47
O2' SAH D . 2.57 20.92 -22.18
C1' SAH D . 4.96 20.70 -21.96
N9 SAH D . 5.50 21.78 -22.80
C8 SAH D . 5.15 22.15 -24.14
N7 SAH D . 5.81 23.20 -24.57
C5 SAH D . 6.63 23.52 -23.51
C6 SAH D . 7.56 24.58 -23.40
N6 SAH D . 7.79 25.46 -24.36
N1 SAH D . 8.25 24.68 -22.23
C2 SAH D . 8.00 23.78 -21.25
N3 SAH D . 7.13 22.74 -21.24
C4 SAH D . 6.47 22.67 -22.42
P PO4 E . -20.42 -28.22 13.32
O1 PO4 E . -21.34 -27.21 13.86
O2 PO4 E . -19.33 -28.42 14.26
O3 PO4 E . -21.14 -29.46 13.12
O4 PO4 E . -19.88 -27.76 12.05
C12 F21 F . -7.46 -5.10 15.41
C13 F21 F . -6.40 -5.07 14.32
S2 F21 F . -7.23 -4.53 12.79
C15 F21 F . -8.11 -3.01 13.26
C14 F21 F . -8.94 -3.33 14.50
N1 F21 F . -8.06 -3.76 15.59
S1 F21 F . -8.89 -3.72 16.99
O2 F21 F . -7.96 -3.97 18.04
O1 F21 F . -9.44 -2.33 17.13
C7 F21 F . -10.20 -4.86 17.19
C8 F21 F . -10.76 -4.96 18.45
C9 F21 F . -11.83 -5.83 18.70
C1 F21 F . -12.40 -5.90 20.12
N2 F21 F . -13.72 -6.57 20.14
C3 F21 F . -13.64 -7.84 19.39
C11 F21 F . -14.88 -8.70 19.65
F1 F21 F . -14.87 -9.18 20.95
C4 F21 F . -13.51 -7.55 17.90
C10 F21 F . -12.32 -6.60 17.66
C5 F21 F . -11.78 -6.50 16.39
C6 F21 F . -10.70 -5.63 16.14
N SAH G . -12.39 -12.99 13.46
CA SAH G . -13.00 -11.68 13.25
CB SAH G . -14.33 -11.60 14.01
CG SAH G . -14.26 -11.97 15.51
SD SAH G . -15.84 -11.72 16.34
C SAH G . -12.05 -10.54 13.65
O SAH G . -10.83 -10.79 13.80
OXT SAH G . -12.52 -9.38 13.79
C5' SAH G . -16.21 -13.40 16.98
C4' SAH G . -16.64 -14.34 15.88
O4' SAH G . -16.84 -15.68 16.37
C3' SAH G . -17.88 -13.96 15.08
O3' SAH G . -17.56 -13.91 13.70
C2' SAH G . -18.88 -15.07 15.43
O2' SAH G . -19.76 -15.41 14.38
C1' SAH G . -17.96 -16.25 15.73
N9 SAH G . -18.56 -17.24 16.63
C8 SAH G . -19.76 -17.13 17.40
N7 SAH G . -20.05 -18.22 18.07
C5 SAH G . -19.02 -19.08 17.74
C6 SAH G . -18.81 -20.42 18.16
N6 SAH G . -19.64 -21.06 18.98
N1 SAH G . -17.70 -21.06 17.68
C2 SAH G . -16.88 -20.38 16.84
N3 SAH G . -16.98 -19.11 16.38
C4 SAH G . -18.09 -18.50 16.87
#